data_1EG2
#
_entry.id   1EG2
#
_cell.length_a   70.420
_cell.length_b   130.253
_cell.length_c   67.284
_cell.angle_alpha   90.00
_cell.angle_beta   90.00
_cell.angle_gamma   90.00
#
_symmetry.space_group_name_H-M   'C 2 2 21'
#
loop_
_entity.id
_entity.type
_entity.pdbx_description
1 polymer 'MODIFICATION METHYLASE RSRI'
2 non-polymer "5'-DEOXY-5'-METHYLTHIOADENOSINE"
3 water water
#
_entity_poly.entity_id   1
_entity_poly.type   'polypeptide(L)'
_entity_poly.pdbx_seq_one_letter_code
;MANRSHHNAGHRAMNALRKSGQKHSSESQLGSSEIGTTRHVYDVCDCLDTLAKLPDDSVQLIICDPPYNIMLADWDDHMD
YIGWAKRWLAEAERVLSPTGSIAIFGGLQYQGEAGSGDLISIISHMRQNSKMLLANLIIWNYPNGMSAQRFFANRHEEIA
WFAKTKKYFFDLDAVREPYDEETKAAYMKDKRLNPESVEKGRNPTNVWRMSRLNGNSLERVGHPTQKPAAVIERLVRALS
HPGSTVLDFFAGSGVTARVAIQEGRNSICTDAAPVFKEYYQKQLTFLQDDGLIDKARSYEIVEGAANFGAALQRGDVAS
;
_entity_poly.pdbx_strand_id   A
#
loop_
_chem_comp.id
_chem_comp.type
_chem_comp.name
_chem_comp.formula
MTA non-polymer 5'-DEOXY-5'-METHYLTHIOADENOSINE 'C11 H15 N5 O3 S'
#
# COMPACT_ATOMS: atom_id res chain seq x y z
N GLY A 36 15.35 16.48 -10.49
CA GLY A 36 14.63 15.17 -10.50
C GLY A 36 13.13 15.33 -10.33
N THR A 37 12.43 15.56 -11.43
CA THR A 37 10.99 15.74 -11.39
C THR A 37 10.29 14.39 -11.51
N THR A 38 9.23 14.20 -10.73
CA THR A 38 8.49 12.95 -10.78
C THR A 38 7.24 13.12 -11.64
N ARG A 39 6.76 12.02 -12.20
N ARG A 39 6.76 12.01 -12.18
CA ARG A 39 5.56 12.07 -13.02
CA ARG A 39 5.57 12.02 -13.01
C ARG A 39 4.47 11.19 -12.41
C ARG A 39 4.47 11.19 -12.38
N HIS A 40 3.24 11.67 -12.49
CA HIS A 40 2.10 10.97 -11.92
C HIS A 40 0.94 10.93 -12.89
N VAL A 41 0.50 9.72 -13.20
CA VAL A 41 -0.61 9.52 -14.11
C VAL A 41 -1.80 8.96 -13.37
N TYR A 42 -3.00 9.39 -13.76
CA TYR A 42 -4.20 8.88 -13.13
C TYR A 42 -5.30 8.77 -14.16
N ASP A 43 -6.31 7.97 -13.85
CA ASP A 43 -7.44 7.81 -14.75
C ASP A 43 -8.51 6.97 -14.07
N VAL A 44 -9.68 6.95 -14.70
CA VAL A 44 -10.80 6.16 -14.20
C VAL A 44 -10.98 4.98 -15.14
N CYS A 45 -10.83 3.78 -14.60
CA CYS A 45 -10.98 2.56 -15.37
C CYS A 45 -10.83 1.33 -14.49
N ASP A 46 -11.22 0.17 -15.02
CA ASP A 46 -11.13 -1.10 -14.29
C ASP A 46 -9.67 -1.51 -14.08
N CYS A 47 -9.37 -2.15 -12.96
CA CYS A 47 -8.00 -2.55 -12.63
C CYS A 47 -7.34 -3.43 -13.69
N LEU A 48 -8.09 -4.31 -14.33
CA LEU A 48 -7.48 -5.18 -15.33
C LEU A 48 -7.14 -4.42 -16.60
N ASP A 49 -7.89 -3.36 -16.90
CA ASP A 49 -7.60 -2.55 -18.09
C ASP A 49 -6.30 -1.78 -17.84
N THR A 50 -6.10 -1.35 -16.61
CA THR A 50 -4.88 -0.65 -16.25
C THR A 50 -3.70 -1.59 -16.34
N LEU A 51 -3.81 -2.74 -15.67
CA LEU A 51 -2.72 -3.71 -15.67
C LEU A 51 -2.37 -4.21 -17.06
N ALA A 52 -3.38 -4.37 -17.91
CA ALA A 52 -3.15 -4.85 -19.27
C ALA A 52 -2.28 -3.90 -20.08
N LYS A 53 -2.30 -2.63 -19.71
CA LYS A 53 -1.52 -1.64 -20.45
C LYS A 53 -0.11 -1.42 -19.89
N LEU A 54 0.25 -2.14 -18.83
CA LEU A 54 1.59 -1.99 -18.26
C LEU A 54 2.47 -3.18 -18.66
N PRO A 55 3.72 -2.89 -19.06
CA PRO A 55 4.63 -3.97 -19.46
C PRO A 55 5.19 -4.79 -18.30
N ASP A 56 5.75 -5.94 -18.62
CA ASP A 56 6.34 -6.82 -17.62
C ASP A 56 7.45 -6.11 -16.85
N ASP A 57 7.57 -6.44 -15.56
CA ASP A 57 8.63 -5.92 -14.68
C ASP A 57 8.84 -4.41 -14.75
N SER A 58 7.77 -3.63 -14.85
CA SER A 58 7.93 -2.18 -14.99
C SER A 58 7.60 -1.37 -13.74
N VAL A 59 7.06 -2.01 -12.71
CA VAL A 59 6.67 -1.32 -11.48
C VAL A 59 7.46 -1.81 -10.26
N GLN A 60 7.79 -0.90 -9.35
CA GLN A 60 8.56 -1.27 -8.16
C GLN A 60 7.68 -1.61 -6.95
N LEU A 61 6.58 -0.89 -6.79
CA LEU A 61 5.71 -1.14 -5.65
C LEU A 61 4.24 -0.94 -5.97
N ILE A 62 3.42 -1.85 -5.49
CA ILE A 62 1.99 -1.74 -5.69
C ILE A 62 1.31 -1.60 -4.34
N ILE A 63 0.48 -0.58 -4.21
CA ILE A 63 -0.31 -0.36 -3.01
C ILE A 63 -1.67 -0.95 -3.37
N CYS A 64 -2.11 -1.95 -2.61
CA CYS A 64 -3.34 -2.63 -2.94
C CYS A 64 -4.31 -2.75 -1.77
N ASP A 65 -5.41 -2.01 -1.84
CA ASP A 65 -6.47 -2.02 -0.84
C ASP A 65 -7.73 -2.30 -1.65
N PRO A 66 -7.92 -3.57 -2.04
CA PRO A 66 -9.04 -4.04 -2.86
C PRO A 66 -10.41 -4.25 -2.26
N PRO A 67 -11.42 -4.29 -3.12
CA PRO A 67 -12.78 -4.53 -2.64
C PRO A 67 -12.73 -6.01 -2.27
N TYR A 68 -13.51 -6.42 -1.27
CA TYR A 68 -13.48 -7.83 -0.87
C TYR A 68 -14.78 -8.56 -1.19
N ASN A 69 -15.45 -8.09 -2.24
CA ASN A 69 -16.67 -8.70 -2.73
C ASN A 69 -16.76 -8.43 -4.22
N ILE A 70 -17.29 -9.38 -4.98
CA ILE A 70 -17.44 -9.20 -6.42
C ILE A 70 -18.77 -8.52 -6.72
N MET A 71 -18.91 -8.04 -7.96
CA MET A 71 -20.13 -7.36 -8.38
C MET A 71 -21.17 -8.36 -8.88
N LEU A 72 -22.44 -7.96 -8.84
CA LEU A 72 -23.52 -8.83 -9.28
C LEU A 72 -23.19 -9.44 -10.65
N ALA A 73 -22.73 -8.59 -11.57
CA ALA A 73 -22.41 -9.02 -12.93
C ALA A 73 -21.24 -10.01 -12.98
N ASP A 74 -20.37 -9.97 -11.98
CA ASP A 74 -19.22 -10.88 -11.96
C ASP A 74 -19.65 -12.34 -11.82
N TRP A 75 -20.92 -12.56 -11.48
CA TRP A 75 -21.42 -13.92 -11.34
C TRP A 75 -21.56 -14.58 -12.71
N ASP A 76 -21.33 -13.80 -13.77
CA ASP A 76 -21.40 -14.34 -15.12
C ASP A 76 -20.16 -15.19 -15.42
N ASP A 77 -19.04 -14.86 -14.77
CA ASP A 77 -17.79 -15.57 -15.03
C ASP A 77 -17.10 -16.18 -13.82
N HIS A 78 -17.57 -15.88 -12.60
CA HIS A 78 -16.91 -16.43 -11.42
C HIS A 78 -17.88 -17.08 -10.44
N MET A 79 -17.34 -17.93 -9.58
CA MET A 79 -18.16 -18.60 -8.57
C MET A 79 -17.71 -18.23 -7.16
N ASP A 80 -16.68 -17.41 -7.06
CA ASP A 80 -16.20 -16.94 -5.76
C ASP A 80 -15.32 -15.71 -5.90
N TYR A 81 -14.94 -15.13 -4.77
CA TYR A 81 -14.13 -13.93 -4.76
C TYR A 81 -12.75 -14.13 -5.40
N ILE A 82 -12.08 -15.24 -5.03
CA ILE A 82 -10.74 -15.49 -5.56
C ILE A 82 -10.74 -15.73 -7.07
N GLY A 83 -11.85 -16.23 -7.60
CA GLY A 83 -11.92 -16.47 -9.03
C GLY A 83 -11.70 -15.15 -9.75
N TRP A 84 -12.19 -14.07 -9.15
CA TRP A 84 -12.04 -12.73 -9.71
C TRP A 84 -10.69 -12.13 -9.33
N ALA A 85 -10.40 -12.16 -8.03
CA ALA A 85 -9.16 -11.58 -7.52
C ALA A 85 -7.89 -12.18 -8.14
N LYS A 86 -7.90 -13.48 -8.41
CA LYS A 86 -6.71 -14.12 -8.96
C LYS A 86 -6.26 -13.49 -10.28
N ARG A 87 -7.20 -12.89 -11.00
N ARG A 87 -7.20 -12.89 -11.00
CA ARG A 87 -6.88 -12.26 -12.28
CA ARG A 87 -6.87 -12.25 -12.27
C ARG A 87 -5.95 -11.05 -12.09
C ARG A 87 -5.94 -11.05 -12.08
N TRP A 88 -6.31 -10.13 -11.20
CA TRP A 88 -5.46 -8.97 -10.98
C TRP A 88 -4.25 -9.31 -10.09
N LEU A 89 -4.34 -10.38 -9.31
CA LEU A 89 -3.19 -10.76 -8.49
C LEU A 89 -2.09 -11.27 -9.41
N ALA A 90 -2.49 -12.02 -10.44
CA ALA A 90 -1.53 -12.56 -11.40
C ALA A 90 -0.91 -11.41 -12.20
N GLU A 91 -1.73 -10.46 -12.60
CA GLU A 91 -1.24 -9.32 -13.37
C GLU A 91 -0.34 -8.45 -12.50
N ALA A 92 -0.69 -8.31 -11.23
CA ALA A 92 0.12 -7.52 -10.31
C ALA A 92 1.55 -8.08 -10.27
N GLU A 93 1.64 -9.40 -10.13
CA GLU A 93 2.95 -10.04 -10.09
C GLU A 93 3.69 -9.85 -11.41
N ARG A 94 2.97 -9.93 -12.52
CA ARG A 94 3.60 -9.78 -13.83
C ARG A 94 4.24 -8.41 -14.01
N VAL A 95 3.55 -7.35 -13.60
CA VAL A 95 4.07 -5.99 -13.78
C VAL A 95 5.14 -5.60 -12.79
N LEU A 96 5.25 -6.32 -11.67
CA LEU A 96 6.26 -5.99 -10.68
C LEU A 96 7.64 -6.39 -11.17
N SER A 97 8.64 -5.55 -10.90
CA SER A 97 10.00 -5.86 -11.29
C SER A 97 10.57 -6.92 -10.33
N PRO A 98 11.71 -7.52 -10.70
CA PRO A 98 12.35 -8.53 -9.85
C PRO A 98 12.60 -8.09 -8.42
N THR A 99 12.78 -6.78 -8.23
CA THR A 99 13.03 -6.23 -6.90
C THR A 99 11.77 -5.60 -6.32
N GLY A 100 10.64 -5.81 -6.99
CA GLY A 100 9.39 -5.22 -6.55
C GLY A 100 8.56 -5.95 -5.51
N SER A 101 7.61 -5.22 -4.93
CA SER A 101 6.72 -5.77 -3.89
C SER A 101 5.31 -5.22 -4.01
N ILE A 102 4.38 -5.93 -3.38
CA ILE A 102 2.98 -5.50 -3.33
C ILE A 102 2.50 -5.58 -1.89
N ALA A 103 1.88 -4.50 -1.41
CA ALA A 103 1.33 -4.48 -0.06
C ALA A 103 -0.17 -4.57 -0.19
N ILE A 104 -0.74 -5.65 0.32
CA ILE A 104 -2.19 -5.86 0.21
C ILE A 104 -2.90 -5.67 1.56
N PHE A 105 -3.79 -4.69 1.62
CA PHE A 105 -4.55 -4.46 2.85
C PHE A 105 -5.73 -5.41 2.91
N GLY A 106 -6.10 -5.82 4.11
CA GLY A 106 -7.23 -6.73 4.25
C GLY A 106 -7.46 -7.11 5.69
N GLY A 107 -8.60 -7.72 5.95
CA GLY A 107 -8.90 -8.16 7.30
C GLY A 107 -8.93 -9.67 7.35
N LEU A 108 -9.24 -10.20 8.53
CA LEU A 108 -9.32 -11.65 8.72
C LEU A 108 -10.67 -12.01 9.31
N GLN A 109 -11.70 -11.24 8.95
CA GLN A 109 -13.06 -11.43 9.47
C GLN A 109 -14.06 -11.91 8.43
N TYR A 110 -13.63 -12.59 7.37
CA TYR A 110 -14.57 -13.07 6.36
C TYR A 110 -15.63 -13.95 7.02
N GLN A 111 -16.89 -13.73 6.64
CA GLN A 111 -18.04 -14.44 7.22
C GLN A 111 -18.58 -15.60 6.38
N GLY A 112 -17.95 -15.90 5.24
CA GLY A 112 -18.41 -17.02 4.43
C GLY A 112 -19.41 -16.71 3.34
N GLU A 113 -19.76 -15.44 3.15
CA GLU A 113 -20.72 -15.06 2.12
C GLU A 113 -20.20 -15.34 0.72
N ALA A 114 -21.05 -15.90 -0.14
CA ALA A 114 -20.67 -16.20 -1.51
C ALA A 114 -20.28 -14.92 -2.25
N GLY A 115 -19.14 -14.95 -2.94
CA GLY A 115 -18.71 -13.78 -3.67
C GLY A 115 -17.83 -12.81 -2.90
N SER A 116 -17.62 -13.08 -1.62
CA SER A 116 -16.77 -12.22 -0.80
C SER A 116 -15.61 -13.01 -0.22
N GLY A 117 -14.70 -12.31 0.43
CA GLY A 117 -13.56 -12.97 1.04
C GLY A 117 -12.78 -11.98 1.87
N ASP A 118 -11.58 -12.36 2.28
CA ASP A 118 -10.73 -11.46 3.05
C ASP A 118 -9.25 -11.70 2.72
N LEU A 119 -8.37 -11.15 3.53
CA LEU A 119 -6.94 -11.29 3.26
C LEU A 119 -6.50 -12.74 3.29
N ILE A 120 -7.17 -13.57 4.09
CA ILE A 120 -6.80 -14.98 4.16
C ILE A 120 -7.13 -15.68 2.84
N SER A 121 -8.23 -15.27 2.22
CA SER A 121 -8.63 -15.83 0.93
C SER A 121 -7.52 -15.60 -0.08
N ILE A 122 -6.96 -14.40 -0.05
CA ILE A 122 -5.88 -14.04 -0.94
C ILE A 122 -4.58 -14.79 -0.59
N ILE A 123 -4.19 -14.78 0.68
CA ILE A 123 -2.97 -15.46 1.08
C ILE A 123 -3.02 -16.95 0.73
N SER A 124 -4.13 -17.62 1.05
CA SER A 124 -4.24 -19.04 0.74
C SER A 124 -4.08 -19.26 -0.77
N HIS A 125 -4.66 -18.37 -1.57
CA HIS A 125 -4.53 -18.49 -3.01
C HIS A 125 -3.08 -18.33 -3.42
N MET A 126 -2.42 -17.32 -2.89
CA MET A 126 -1.02 -17.06 -3.21
C MET A 126 -0.11 -18.24 -2.82
N ARG A 127 -0.37 -18.85 -1.67
CA ARG A 127 0.46 -19.97 -1.24
C ARG A 127 0.40 -21.13 -2.22
N GLN A 128 -0.75 -21.33 -2.85
CA GLN A 128 -0.90 -22.44 -3.79
C GLN A 128 -0.47 -22.12 -5.21
N ASN A 129 -0.65 -20.87 -5.63
CA ASN A 129 -0.38 -20.54 -7.02
C ASN A 129 0.70 -19.51 -7.34
N SER A 130 1.27 -18.85 -6.34
CA SER A 130 2.29 -17.84 -6.64
C SER A 130 3.63 -18.10 -5.98
N LYS A 131 4.71 -17.77 -6.68
CA LYS A 131 6.04 -17.94 -6.11
C LYS A 131 6.45 -16.72 -5.31
N MET A 132 5.59 -15.72 -5.22
CA MET A 132 5.94 -14.53 -4.44
C MET A 132 6.13 -14.93 -2.98
N LEU A 133 6.98 -14.19 -2.28
CA LEU A 133 7.29 -14.48 -0.88
C LEU A 133 6.53 -13.56 0.06
N LEU A 134 5.92 -14.12 1.09
CA LEU A 134 5.25 -13.27 2.07
C LEU A 134 6.34 -12.79 3.03
N ALA A 135 6.90 -11.63 2.72
CA ALA A 135 7.98 -11.06 3.52
C ALA A 135 7.53 -10.69 4.92
N ASN A 136 6.28 -10.24 5.03
CA ASN A 136 5.73 -9.84 6.32
C ASN A 136 4.21 -9.77 6.31
N LEU A 137 3.63 -10.07 7.45
CA LEU A 137 2.21 -9.90 7.65
C LEU A 137 2.19 -8.84 8.74
N ILE A 138 1.89 -7.62 8.34
CA ILE A 138 1.90 -6.48 9.22
C ILE A 138 0.55 -6.25 9.86
N ILE A 139 0.58 -5.93 11.15
CA ILE A 139 -0.65 -5.65 11.87
C ILE A 139 -0.78 -4.16 12.07
N TRP A 140 -1.84 -3.59 11.52
CA TRP A 140 -2.11 -2.17 11.71
C TRP A 140 -3.08 -2.09 12.88
N ASN A 141 -2.54 -1.74 14.04
CA ASN A 141 -3.31 -1.64 15.28
C ASN A 141 -3.75 -0.19 15.52
N TYR A 142 -5.01 0.11 15.28
CA TYR A 142 -5.48 1.46 15.50
C TYR A 142 -6.11 1.62 16.88
N PRO A 143 -5.94 2.80 17.49
CA PRO A 143 -6.43 3.20 18.82
C PRO A 143 -7.93 3.14 19.07
N ASN A 144 -8.69 3.88 18.29
CA ASN A 144 -10.15 3.95 18.48
C ASN A 144 -10.93 2.97 17.60
N GLY A 145 -12.19 2.78 17.96
CA GLY A 145 -13.05 1.89 17.20
C GLY A 145 -14.40 1.70 17.86
N MET A 146 -15.18 0.78 17.31
CA MET A 146 -16.51 0.49 17.84
C MET A 146 -16.40 -0.39 19.08
N SER A 147 -17.38 -0.28 19.97
CA SER A 147 -17.40 -1.10 21.17
C SER A 147 -18.03 -2.44 20.84
N ALA A 148 -17.92 -3.40 21.75
CA ALA A 148 -18.50 -4.73 21.54
C ALA A 148 -18.80 -5.38 22.88
N GLN A 149 -19.99 -5.96 23.00
CA GLN A 149 -20.36 -6.59 24.25
C GLN A 149 -20.22 -8.11 24.20
N ARG A 150 -20.27 -8.67 23.00
CA ARG A 150 -20.20 -10.12 22.80
C ARG A 150 -18.86 -10.63 22.26
N PHE A 151 -17.86 -9.77 22.22
CA PHE A 151 -16.55 -10.17 21.75
C PHE A 151 -15.53 -9.06 21.97
N PHE A 152 -14.27 -9.35 21.64
CA PHE A 152 -13.22 -8.36 21.82
C PHE A 152 -13.31 -7.31 20.71
N ALA A 153 -13.43 -6.05 21.11
CA ALA A 153 -13.55 -4.94 20.17
C ALA A 153 -12.42 -4.94 19.17
N ASN A 154 -12.77 -4.87 17.89
CA ASN A 154 -11.78 -4.91 16.84
C ASN A 154 -10.95 -3.65 16.71
N ARG A 155 -9.63 -3.84 16.77
CA ARG A 155 -8.71 -2.72 16.67
C ARG A 155 -7.56 -3.02 15.72
N HIS A 156 -7.80 -3.85 14.71
CA HIS A 156 -6.71 -4.13 13.78
C HIS A 156 -7.16 -4.48 12.37
N GLU A 157 -6.24 -4.22 11.44
CA GLU A 157 -6.37 -4.51 10.02
C GLU A 157 -5.00 -5.02 9.60
N GLU A 158 -4.93 -5.86 8.58
CA GLU A 158 -3.64 -6.41 8.18
C GLU A 158 -3.12 -5.89 6.85
N ILE A 159 -1.82 -6.04 6.67
CA ILE A 159 -1.15 -5.67 5.43
C ILE A 159 -0.22 -6.82 5.07
N ALA A 160 -0.53 -7.50 3.98
CA ALA A 160 0.32 -8.61 3.54
C ALA A 160 1.36 -8.07 2.58
N TRP A 161 2.64 -8.14 2.96
CA TRP A 161 3.69 -7.67 2.07
C TRP A 161 4.30 -8.85 1.34
N PHE A 162 4.04 -8.92 0.03
CA PHE A 162 4.56 -9.97 -0.83
C PHE A 162 5.68 -9.41 -1.68
N ALA A 163 6.81 -10.13 -1.72
CA ALA A 163 7.93 -9.70 -2.54
C ALA A 163 7.97 -10.61 -3.76
N LYS A 164 8.25 -10.06 -4.94
CA LYS A 164 8.27 -10.90 -6.13
C LYS A 164 9.39 -11.93 -6.06
N THR A 165 10.56 -11.50 -5.58
CA THR A 165 11.68 -12.44 -5.45
C THR A 165 12.48 -12.14 -4.19
N LYS A 166 13.42 -13.04 -3.90
CA LYS A 166 14.28 -12.91 -2.72
C LYS A 166 15.17 -11.66 -2.81
N LYS A 167 15.22 -11.02 -3.97
CA LYS A 167 16.05 -9.82 -4.14
C LYS A 167 15.25 -8.53 -4.04
N TYR A 168 14.14 -8.58 -3.31
CA TYR A 168 13.29 -7.40 -3.15
C TYR A 168 14.06 -6.26 -2.51
N PHE A 169 13.65 -5.04 -2.84
CA PHE A 169 14.26 -3.84 -2.27
C PHE A 169 13.67 -3.59 -0.88
N PHE A 170 14.51 -3.13 0.04
CA PHE A 170 14.07 -2.82 1.39
C PHE A 170 14.95 -1.74 2.00
N ASP A 171 14.34 -0.62 2.36
CA ASP A 171 15.08 0.49 2.97
C ASP A 171 14.63 0.64 4.41
N LEU A 172 15.17 -0.22 5.29
CA LEU A 172 14.81 -0.20 6.70
C LEU A 172 15.18 1.12 7.39
N ASP A 173 16.38 1.63 7.12
CA ASP A 173 16.80 2.87 7.76
C ASP A 173 15.82 4.02 7.50
N ALA A 174 15.18 4.00 6.34
CA ALA A 174 14.24 5.06 5.98
C ALA A 174 12.98 5.06 6.83
N VAL A 175 12.75 3.96 7.56
CA VAL A 175 11.55 3.86 8.39
C VAL A 175 11.85 3.56 9.86
N ARG A 176 13.13 3.58 10.24
CA ARG A 176 13.47 3.34 11.64
C ARG A 176 12.93 4.46 12.51
N GLU A 177 12.57 4.13 13.74
CA GLU A 177 12.05 5.10 14.69
C GLU A 177 13.18 5.45 15.67
N PRO A 178 13.65 6.70 15.62
CA PRO A 178 14.72 7.17 16.50
C PRO A 178 14.40 7.15 17.99
N TYR A 179 15.44 6.99 18.80
CA TYR A 179 15.29 7.00 20.25
C TYR A 179 15.43 8.45 20.71
N ASP A 180 14.89 8.78 21.87
CA ASP A 180 15.03 10.13 22.39
C ASP A 180 16.48 10.33 22.81
N GLU A 181 16.89 11.59 23.02
CA GLU A 181 18.26 11.88 23.40
C GLU A 181 18.69 11.19 24.69
N GLU A 182 17.77 11.07 25.65
CA GLU A 182 18.07 10.42 26.93
C GLU A 182 18.32 8.92 26.77
N THR A 183 17.47 8.26 26.00
CA THR A 183 17.60 6.83 25.78
C THR A 183 18.76 6.52 24.83
N LYS A 184 18.91 7.36 23.80
N LYS A 184 18.90 7.38 23.82
CA LYS A 184 19.99 7.16 22.84
CA LYS A 184 19.96 7.25 22.82
C LYS A 184 21.35 7.29 23.54
C LYS A 184 21.33 7.35 23.49
N ALA A 185 21.39 8.08 24.59
CA ALA A 185 22.62 8.28 25.35
C ALA A 185 22.85 7.11 26.29
N ALA A 186 21.75 6.53 26.78
CA ALA A 186 21.82 5.39 27.69
C ALA A 186 22.32 4.14 26.96
N TYR A 187 21.95 4.00 25.70
CA TYR A 187 22.37 2.85 24.90
C TYR A 187 23.81 3.04 24.43
N MET A 188 24.18 4.28 24.18
CA MET A 188 25.53 4.59 23.70
C MET A 188 26.57 4.20 24.74
N LYS A 189 26.22 4.29 26.01
CA LYS A 189 27.15 3.96 27.08
C LYS A 189 27.24 2.45 27.27
N ASP A 190 26.25 1.71 26.76
CA ASP A 190 26.25 0.26 26.86
C ASP A 190 27.10 -0.29 25.71
N LYS A 191 28.33 -0.67 26.02
N LYS A 191 28.33 -0.68 26.02
CA LYS A 191 29.23 -1.18 24.99
CA LYS A 191 29.24 -1.20 25.01
C LYS A 191 28.78 -2.53 24.43
C LYS A 191 28.82 -2.55 24.46
N ARG A 192 27.76 -3.12 25.02
CA ARG A 192 27.25 -4.40 24.55
C ARG A 192 26.46 -4.18 23.27
N LEU A 193 26.05 -2.93 23.05
CA LEU A 193 25.25 -2.57 21.88
C LEU A 193 26.07 -1.85 20.82
N ASN A 194 25.70 -2.09 19.55
CA ASN A 194 26.37 -1.45 18.43
C ASN A 194 25.87 -0.02 18.33
N PRO A 195 26.74 0.97 18.54
CA PRO A 195 26.36 2.38 18.47
C PRO A 195 25.74 2.84 17.15
N GLU A 196 26.16 2.23 16.05
CA GLU A 196 25.61 2.59 14.75
C GLU A 196 24.12 2.23 14.70
N SER A 197 23.78 1.07 15.23
CA SER A 197 22.40 0.63 15.26
C SER A 197 21.58 1.53 16.16
N VAL A 198 22.20 2.03 17.23
CA VAL A 198 21.52 2.92 18.15
C VAL A 198 21.23 4.25 17.47
N GLU A 199 22.22 4.75 16.75
CA GLU A 199 22.11 6.03 16.05
C GLU A 199 21.02 6.00 14.97
N LYS A 200 20.94 4.90 14.24
CA LYS A 200 19.97 4.76 13.15
C LYS A 200 18.52 4.67 13.63
N GLY A 201 18.30 4.11 14.82
CA GLY A 201 16.95 3.99 15.31
C GLY A 201 16.54 2.52 15.37
N ARG A 202 15.34 2.25 15.87
N ARG A 202 15.32 2.27 15.85
CA ARG A 202 14.89 0.86 15.97
CA ARG A 202 14.84 0.90 15.99
C ARG A 202 13.94 0.47 14.86
C ARG A 202 13.91 0.47 14.85
N ASN A 203 13.94 -0.82 14.55
CA ASN A 203 13.06 -1.40 13.54
C ASN A 203 11.65 -1.11 14.03
N PRO A 204 10.78 -0.54 13.18
CA PRO A 204 9.42 -0.25 13.65
C PRO A 204 8.56 -1.49 13.97
N THR A 205 9.10 -2.66 13.63
CA THR A 205 8.45 -3.96 13.83
C THR A 205 7.29 -4.17 12.85
N ASN A 206 6.68 -5.35 12.89
CA ASN A 206 5.56 -5.65 11.99
C ASN A 206 4.20 -5.40 12.64
N VAL A 207 4.21 -4.58 13.68
CA VAL A 207 3.00 -4.15 14.36
C VAL A 207 3.07 -2.63 14.42
N TRP A 208 2.21 -1.97 13.66
CA TRP A 208 2.21 -0.52 13.61
C TRP A 208 1.02 0.08 14.33
N ARG A 209 1.30 0.85 15.37
N ARG A 209 1.30 0.85 15.37
CA ARG A 209 0.24 1.51 16.11
CA ARG A 209 0.25 1.51 16.12
C ARG A 209 0.03 2.89 15.53
C ARG A 209 0.03 2.90 15.53
N MET A 210 -0.93 2.99 14.61
CA MET A 210 -1.22 4.24 13.94
C MET A 210 -2.73 4.48 13.89
N SER A 211 -3.11 5.74 14.08
CA SER A 211 -4.52 6.09 14.08
C SER A 211 -5.09 6.14 12.67
N ARG A 212 -6.38 5.83 12.56
CA ARG A 212 -7.06 5.91 11.28
C ARG A 212 -7.49 7.36 11.15
N LEU A 213 -8.08 7.73 10.02
CA LEU A 213 -8.52 9.11 9.86
C LEU A 213 -9.84 9.33 10.58
N ASN A 214 -10.05 10.54 11.09
CA ASN A 214 -11.29 10.86 11.78
C ASN A 214 -12.11 11.81 10.92
N GLY A 215 -13.40 11.92 11.23
CA GLY A 215 -14.29 12.79 10.47
C GLY A 215 -13.91 14.26 10.46
N ASN A 216 -12.79 14.60 11.10
CA ASN A 216 -12.35 15.99 11.14
C ASN A 216 -10.94 16.13 10.55
N SER A 217 -10.35 15.00 10.17
CA SER A 217 -9.00 15.00 9.61
C SER A 217 -8.88 15.95 8.42
N LEU A 218 -7.71 16.58 8.31
CA LEU A 218 -7.43 17.51 7.24
C LEU A 218 -7.21 16.78 5.91
N GLU A 219 -6.85 15.50 6.00
CA GLU A 219 -6.58 14.69 4.81
C GLU A 219 -7.85 14.23 4.10
N ARG A 220 -8.95 14.11 4.84
CA ARG A 220 -10.21 13.62 4.28
C ARG A 220 -10.61 14.32 2.99
N VAL A 221 -11.00 13.51 2.00
CA VAL A 221 -11.44 14.01 0.70
C VAL A 221 -12.86 13.56 0.38
N GLY A 222 -13.43 12.73 1.24
CA GLY A 222 -14.79 12.27 1.01
C GLY A 222 -14.94 10.76 0.88
N HIS A 223 -13.83 10.07 0.64
CA HIS A 223 -13.84 8.62 0.49
C HIS A 223 -14.06 7.95 1.85
N PRO A 224 -15.08 7.08 1.95
CA PRO A 224 -15.45 6.34 3.16
C PRO A 224 -14.38 5.44 3.79
N THR A 225 -13.45 4.94 2.98
CA THR A 225 -12.41 4.07 3.51
C THR A 225 -11.02 4.65 3.28
N GLN A 226 -10.93 5.97 3.22
CA GLN A 226 -9.66 6.65 3.00
C GLN A 226 -8.59 6.22 4.00
N LYS A 227 -7.43 5.83 3.49
CA LYS A 227 -6.31 5.42 4.32
C LYS A 227 -5.46 6.62 4.69
N PRO A 228 -4.90 6.64 5.90
CA PRO A 228 -4.05 7.76 6.31
C PRO A 228 -2.70 7.75 5.61
N ALA A 229 -2.20 8.94 5.26
CA ALA A 229 -0.93 9.06 4.57
C ALA A 229 0.22 8.37 5.34
N ALA A 230 0.20 8.46 6.66
CA ALA A 230 1.27 7.88 7.47
C ALA A 230 1.53 6.40 7.19
N VAL A 231 0.47 5.62 7.01
N VAL A 231 0.47 5.63 7.02
CA VAL A 231 0.61 4.19 6.77
CA VAL A 231 0.61 4.19 6.76
C VAL A 231 1.19 3.94 5.37
C VAL A 231 1.19 3.95 5.38
N ILE A 232 0.71 4.69 4.39
CA ILE A 232 1.19 4.56 3.02
C ILE A 232 2.63 5.05 2.92
N GLU A 233 2.96 6.11 3.66
CA GLU A 233 4.31 6.67 3.67
C GLU A 233 5.33 5.62 4.10
N ARG A 234 5.00 4.87 5.14
CA ARG A 234 5.93 3.85 5.62
C ARG A 234 6.16 2.78 4.57
N LEU A 235 5.10 2.38 3.87
CA LEU A 235 5.22 1.37 2.82
C LEU A 235 6.05 1.89 1.64
N VAL A 236 5.77 3.11 1.23
CA VAL A 236 6.49 3.70 0.11
C VAL A 236 7.98 3.88 0.44
N ARG A 237 8.28 4.37 1.63
CA ARG A 237 9.67 4.60 2.02
C ARG A 237 10.48 3.32 2.17
N ALA A 238 9.86 2.27 2.71
CA ALA A 238 10.57 1.02 2.92
C ALA A 238 10.59 0.07 1.72
N LEU A 239 9.56 0.10 0.87
CA LEU A 239 9.49 -0.86 -0.23
C LEU A 239 9.74 -0.34 -1.63
N SER A 240 10.09 0.93 -1.77
CA SER A 240 10.38 1.48 -3.09
C SER A 240 11.54 2.44 -2.98
N HIS A 241 12.29 2.61 -4.05
CA HIS A 241 13.40 3.54 -4.01
C HIS A 241 13.01 4.84 -4.69
N PRO A 242 13.67 5.95 -4.32
CA PRO A 242 13.32 7.22 -4.96
C PRO A 242 13.37 7.12 -6.48
N GLY A 243 12.43 7.77 -7.15
CA GLY A 243 12.40 7.76 -8.59
C GLY A 243 11.76 6.53 -9.21
N SER A 244 11.37 5.56 -8.38
CA SER A 244 10.75 4.34 -8.89
C SER A 244 9.24 4.53 -9.00
N THR A 245 8.57 3.59 -9.66
CA THR A 245 7.12 3.73 -9.87
C THR A 245 6.27 2.97 -8.84
N VAL A 246 5.31 3.69 -8.27
CA VAL A 246 4.36 3.13 -7.32
C VAL A 246 3.02 3.06 -8.04
N LEU A 247 2.39 1.88 -8.04
CA LEU A 247 1.12 1.67 -8.73
C LEU A 247 -0.01 1.34 -7.76
N ASP A 248 -1.18 1.91 -8.01
CA ASP A 248 -2.36 1.66 -7.19
C ASP A 248 -3.58 1.61 -8.12
N PHE A 249 -4.12 0.41 -8.36
CA PHE A 249 -5.27 0.26 -9.27
C PHE A 249 -6.64 0.15 -8.59
N PHE A 250 -6.66 0.47 -7.30
CA PHE A 250 -7.88 0.54 -6.48
C PHE A 250 -7.63 1.82 -5.66
N ALA A 251 -7.21 2.86 -6.38
CA ALA A 251 -6.77 4.13 -5.82
C ALA A 251 -7.68 4.81 -4.81
N GLY A 252 -8.98 4.58 -4.89
CA GLY A 252 -9.89 5.20 -3.91
C GLY A 252 -9.79 6.72 -3.75
N SER A 253 -9.16 7.18 -2.68
CA SER A 253 -9.03 8.62 -2.40
C SER A 253 -7.85 9.24 -3.14
N GLY A 254 -6.96 8.40 -3.64
CA GLY A 254 -5.80 8.89 -4.36
C GLY A 254 -4.65 9.22 -3.41
N VAL A 255 -4.73 8.73 -2.18
CA VAL A 255 -3.68 9.02 -1.20
C VAL A 255 -2.31 8.52 -1.67
N THR A 256 -2.29 7.47 -2.48
CA THR A 256 -1.02 6.93 -2.95
C THR A 256 -0.24 7.96 -3.78
N ALA A 257 -0.94 8.71 -4.62
CA ALA A 257 -0.28 9.72 -5.45
C ALA A 257 0.29 10.85 -4.60
N ARG A 258 -0.48 11.31 -3.61
CA ARG A 258 -0.01 12.38 -2.73
C ARG A 258 1.28 11.95 -2.02
N VAL A 259 1.31 10.72 -1.52
CA VAL A 259 2.50 10.21 -0.83
C VAL A 259 3.66 10.05 -1.80
N ALA A 260 3.37 9.52 -2.99
CA ALA A 260 4.40 9.34 -4.01
C ALA A 260 5.08 10.65 -4.32
N ILE A 261 4.27 11.69 -4.53
CA ILE A 261 4.79 13.01 -4.84
C ILE A 261 5.69 13.54 -3.71
N GLN A 262 5.18 13.48 -2.49
CA GLN A 262 5.92 13.95 -1.33
C GLN A 262 7.22 13.18 -1.11
N GLU A 263 7.22 11.90 -1.47
CA GLU A 263 8.38 11.05 -1.26
C GLU A 263 9.33 10.95 -2.45
N GLY A 264 9.04 11.65 -3.54
CA GLY A 264 9.94 11.58 -4.70
C GLY A 264 9.84 10.33 -5.55
N ARG A 265 8.67 9.73 -5.59
CA ARG A 265 8.45 8.56 -6.43
C ARG A 265 7.49 8.93 -7.55
N ASN A 266 7.47 8.12 -8.60
CA ASN A 266 6.52 8.35 -9.68
C ASN A 266 5.30 7.52 -9.32
N SER A 267 4.16 7.80 -9.93
CA SER A 267 3.00 6.99 -9.58
C SER A 267 1.96 6.89 -10.67
N ILE A 268 1.23 5.79 -10.61
CA ILE A 268 0.13 5.52 -11.51
C ILE A 268 -1.03 5.11 -10.61
N CYS A 269 -2.10 5.90 -10.62
CA CYS A 269 -3.26 5.62 -9.78
C CYS A 269 -4.54 5.59 -10.61
N THR A 270 -5.26 4.48 -10.53
CA THR A 270 -6.53 4.37 -11.23
C THR A 270 -7.59 3.76 -10.31
N ASP A 271 -8.85 4.05 -10.62
CA ASP A 271 -9.97 3.53 -9.87
C ASP A 271 -11.16 3.45 -10.82
N ALA A 272 -12.05 2.50 -10.61
CA ALA A 272 -13.20 2.34 -11.50
C ALA A 272 -14.29 3.39 -11.27
N ALA A 273 -14.27 4.06 -10.13
CA ALA A 273 -15.28 5.06 -9.79
C ALA A 273 -14.95 6.44 -10.35
N PRO A 274 -15.88 7.03 -11.12
CA PRO A 274 -15.64 8.36 -11.70
C PRO A 274 -15.31 9.42 -10.65
N VAL A 275 -15.87 9.26 -9.45
CA VAL A 275 -15.63 10.23 -8.38
C VAL A 275 -14.15 10.28 -7.98
N PHE A 276 -13.38 9.29 -8.42
CA PHE A 276 -11.95 9.23 -8.11
C PHE A 276 -11.21 10.47 -8.62
N LYS A 277 -11.58 10.93 -9.82
CA LYS A 277 -10.92 12.12 -10.37
C LYS A 277 -11.06 13.29 -9.42
N GLU A 278 -12.24 13.46 -8.84
N GLU A 278 -12.24 13.45 -8.84
CA GLU A 278 -12.48 14.55 -7.90
CA GLU A 278 -12.49 14.54 -7.90
C GLU A 278 -11.58 14.42 -6.68
C GLU A 278 -11.57 14.41 -6.69
N TYR A 279 -11.49 13.20 -6.14
CA TYR A 279 -10.65 12.95 -4.97
C TYR A 279 -9.17 13.21 -5.27
N TYR A 280 -8.73 12.75 -6.44
CA TYR A 280 -7.34 12.93 -6.85
C TYR A 280 -6.97 14.41 -6.92
N GLN A 281 -7.86 15.20 -7.50
CA GLN A 281 -7.61 16.63 -7.61
C GLN A 281 -7.54 17.27 -6.23
N LYS A 282 -8.34 16.75 -5.29
CA LYS A 282 -8.33 17.27 -3.93
C LYS A 282 -7.01 16.97 -3.24
N GLN A 283 -6.51 15.75 -3.45
CA GLN A 283 -5.24 15.35 -2.86
C GLN A 283 -4.16 16.35 -3.28
N LEU A 284 -4.22 16.78 -4.53
CA LEU A 284 -3.24 17.71 -5.06
C LEU A 284 -3.24 19.03 -4.28
N THR A 285 -4.43 19.56 -3.98
CA THR A 285 -4.51 20.81 -3.24
C THR A 285 -3.77 20.69 -1.91
N PHE A 286 -3.81 19.49 -1.33
CA PHE A 286 -3.14 19.24 -0.06
C PHE A 286 -1.63 19.42 -0.21
N LEU A 287 -1.15 19.30 -1.45
CA LEU A 287 0.27 19.45 -1.73
C LEU A 287 0.63 20.92 -1.92
N ARG A 297 10.09 21.17 -4.75
CA ARG A 297 9.44 19.93 -5.16
C ARG A 297 9.01 20.01 -6.62
N SER A 298 9.51 19.11 -7.44
CA SER A 298 9.17 19.12 -8.86
C SER A 298 8.45 17.86 -9.29
N TYR A 299 7.21 18.02 -9.74
CA TYR A 299 6.40 16.89 -10.20
C TYR A 299 5.40 17.33 -11.25
N GLU A 300 5.01 16.39 -12.11
CA GLU A 300 4.06 16.66 -13.15
C GLU A 300 2.89 15.69 -13.07
N ILE A 301 1.68 16.21 -13.26
CA ILE A 301 0.48 15.38 -13.22
C ILE A 301 -0.04 15.20 -14.65
N VAL A 302 -0.35 13.96 -15.03
CA VAL A 302 -0.85 13.69 -16.37
C VAL A 302 -2.06 12.77 -16.32
N GLU A 303 -3.18 13.23 -16.89
CA GLU A 303 -4.40 12.41 -16.90
C GLU A 303 -4.45 11.49 -18.12
N GLY A 304 -5.01 10.29 -17.93
CA GLY A 304 -5.16 9.37 -19.05
C GLY A 304 -4.29 8.12 -19.06
N ALA A 305 -4.93 6.96 -19.19
CA ALA A 305 -4.25 5.68 -19.24
C ALA A 305 -3.29 5.63 -20.43
N ALA A 306 -3.61 6.38 -21.47
CA ALA A 306 -2.77 6.42 -22.67
C ALA A 306 -1.39 6.98 -22.32
N ASN A 307 -1.28 7.60 -21.15
CA ASN A 307 -0.02 8.23 -20.74
C ASN A 307 0.69 7.51 -19.58
N PHE A 308 0.32 6.27 -19.28
CA PHE A 308 0.98 5.55 -18.19
C PHE A 308 2.50 5.61 -18.32
N GLY A 309 2.99 5.57 -19.55
CA GLY A 309 4.43 5.59 -19.78
C GLY A 309 5.20 6.72 -19.12
N ALA A 310 4.56 7.88 -18.99
CA ALA A 310 5.18 9.03 -18.38
C ALA A 310 5.67 8.69 -16.97
N ALA A 311 4.93 7.84 -16.27
CA ALA A 311 5.28 7.47 -14.90
C ALA A 311 6.15 6.21 -14.82
N LEU A 312 6.36 5.54 -15.94
CA LEU A 312 7.19 4.34 -15.95
C LEU A 312 8.64 4.68 -16.23
N GLN A 313 8.87 5.76 -16.96
CA GLN A 313 10.24 6.17 -17.25
C GLN A 313 10.96 6.39 -15.92
N ARG A 314 12.14 5.81 -15.81
CA ARG A 314 12.94 5.91 -14.59
C ARG A 314 13.59 7.28 -14.45
CS MTA B . -9.38 1.82 -1.73
S5' MTA B . -11.11 1.29 -1.62
C5' MTA B . -11.26 0.20 -3.05
C4' MTA B . -11.49 0.91 -4.40
O4' MTA B . -11.56 -0.01 -5.47
C2' MTA B . -13.54 1.18 -5.66
O2' MTA B . -14.14 2.17 -6.51
C3' MTA B . -12.76 1.79 -4.49
O3' MTA B . -12.47 3.18 -4.53
C1' MTA B . -12.43 0.49 -6.47
N9 MTA B . -12.84 -0.68 -7.27
C8 MTA B . -13.77 -1.64 -7.08
N7 MTA B . -13.82 -2.56 -8.06
C5 MTA B . -12.85 -2.18 -9.00
C6 MTA B . -12.35 -2.64 -10.22
N6 MTA B . -12.83 -3.76 -10.82
N1 MTA B . -11.34 -1.96 -10.86
C2 MTA B . -10.83 -0.84 -10.31
N3 MTA B . -11.24 -0.32 -9.12
C4 MTA B . -12.24 -1.00 -8.49
#